data_5C4N
#
_entry.id   5C4N
#
_cell.length_a   33.870
_cell.length_b   73.140
_cell.length_c   103.220
_cell.angle_alpha   90.00
_cell.angle_beta   90.00
_cell.angle_gamma   90.00
#
_symmetry.space_group_name_H-M   'P 21 21 21'
#
loop_
_entity.id
_entity.type
_entity.pdbx_description
1 polymer 'Precorrin-6A reductase'
2 non-polymer 'NADP NICOTINAMIDE-ADENINE-DINUCLEOTIDE PHOSPHATE'
3 water water
#
_entity_poly.entity_id   1
_entity_poly.type   'polypeptide(L)'
_entity_poly.pdbx_seq_one_letter_code
;MTRLLVLGGTTEASRLAKTLADQGFEAVFSYAGRTGAPVAQPLPTRIGGFGGVAGLVDYLTREGVSHVIDATHPFAAQMS
ANAVAACAQTGVALCAFERAPWTAQAGDRWTHVPDLAAAVAALPQAPARVFLAIGKQHLRDFSAAPQHHYLLRLVDPPEG
PLPLPDARAVIARGPFTVQGDTELLRSETITHVVAKNAGGAGAEAKLIAARSLGLPVILIDRPAVPARDICATLEGVMGW
LADHGATPRGV
;
_entity_poly.pdbx_strand_id   D
#
# COMPACT_ATOMS: atom_id res chain seq x y z
N MET A 1 6.28 -29.41 -6.75
CA MET A 1 4.88 -29.12 -6.74
C MET A 1 4.64 -27.71 -6.22
N THR A 2 3.58 -27.52 -5.43
CA THR A 2 3.15 -26.13 -5.15
C THR A 2 4.09 -25.38 -4.25
N ARG A 3 4.46 -24.15 -4.63
CA ARG A 3 5.26 -23.30 -3.78
C ARG A 3 4.88 -21.86 -4.11
N LEU A 4 4.31 -21.18 -3.13
CA LEU A 4 3.76 -19.86 -3.38
C LEU A 4 4.75 -18.83 -2.93
N LEU A 5 4.79 -17.70 -3.65
CA LEU A 5 5.47 -16.51 -3.19
C LEU A 5 4.39 -15.43 -3.05
N VAL A 6 4.23 -14.89 -1.84
CA VAL A 6 3.28 -13.84 -1.57
C VAL A 6 4.06 -12.54 -1.32
N LEU A 7 3.87 -11.60 -2.23
CA LEU A 7 4.48 -10.28 -2.08
C LEU A 7 3.60 -9.41 -1.20
N GLY A 8 4.15 -8.98 -0.07
CA GLY A 8 3.34 -8.37 0.95
C GLY A 8 3.59 -6.92 1.14
N GLY A 9 3.27 -6.48 2.34
CA GLY A 9 3.40 -5.09 2.69
C GLY A 9 2.13 -4.43 3.14
N THR A 10 0.99 -5.07 3.05
CA THR A 10 -0.34 -4.53 3.45
C THR A 10 -1.12 -5.47 4.42
N THR A 11 -2.39 -5.13 4.69
CA THR A 11 -3.28 -5.99 5.48
C THR A 11 -4.01 -7.02 4.67
N GLU A 12 -4.44 -6.71 3.47
CA GLU A 12 -4.78 -7.82 2.61
C GLU A 12 -3.67 -8.93 2.72
N ALA A 13 -2.37 -8.51 2.71
CA ALA A 13 -1.29 -9.49 2.59
C ALA A 13 -1.15 -10.32 3.85
N SER A 14 -1.11 -9.65 4.98
CA SER A 14 -1.03 -10.38 6.28
C SER A 14 -2.18 -11.33 6.54
N ARG A 15 -3.38 -10.90 6.25
CA ARG A 15 -4.54 -11.78 6.37
C ARG A 15 -4.48 -12.94 5.42
N LEU A 16 -4.11 -12.65 4.18
CA LEU A 16 -3.93 -13.72 3.25
C LEU A 16 -2.87 -14.73 3.75
N ALA A 17 -1.75 -14.23 4.26
CA ALA A 17 -0.70 -15.18 4.72
C ALA A 17 -1.24 -16.11 5.80
N LYS A 18 -1.97 -15.53 6.74
CA LYS A 18 -2.61 -16.38 7.79
C LYS A 18 -3.51 -17.43 7.23
N THR A 19 -4.32 -17.10 6.22
CA THR A 19 -5.17 -18.08 5.61
C THR A 19 -4.38 -19.16 4.93
N LEU A 20 -3.32 -18.78 4.21
CA LEU A 20 -2.54 -19.75 3.54
C LEU A 20 -1.86 -20.74 4.48
N ALA A 21 -1.34 -20.20 5.59
CA ALA A 21 -0.71 -21.02 6.60
C ALA A 21 -1.71 -21.94 7.25
N ASP A 22 -2.86 -21.43 7.59
CA ASP A 22 -3.97 -22.30 8.09
C ASP A 22 -4.34 -23.45 7.21
N GLN A 23 -4.39 -23.20 5.91
CA GLN A 23 -4.80 -24.18 4.93
C GLN A 23 -3.67 -25.10 4.54
N GLY A 24 -2.46 -24.78 4.97
CA GLY A 24 -1.30 -25.63 4.72
C GLY A 24 -0.53 -25.48 3.44
N PHE A 25 -0.62 -24.31 2.83
CA PHE A 25 0.16 -24.08 1.60
C PHE A 25 1.62 -23.87 1.91
N GLU A 26 2.50 -24.45 1.11
CA GLU A 26 3.90 -24.15 1.14
C GLU A 26 4.05 -22.75 0.52
N ALA A 27 4.43 -21.78 1.32
CA ALA A 27 4.44 -20.35 0.92
C ALA A 27 5.52 -19.56 1.66
N VAL A 28 6.14 -18.64 0.93
CA VAL A 28 7.08 -17.66 1.46
C VAL A 28 6.46 -16.28 1.29
N PHE A 29 6.53 -15.45 2.28
CA PHE A 29 6.09 -14.11 2.23
C PHE A 29 7.28 -13.20 2.00
N SER A 30 7.10 -12.09 1.32
CA SER A 30 8.18 -11.18 1.06
C SER A 30 7.82 -9.73 1.35
N TYR A 31 8.71 -9.03 2.08
CA TYR A 31 8.61 -7.61 2.37
C TYR A 31 9.81 -6.91 1.77
N ALA A 32 9.60 -5.63 1.46
CA ALA A 32 10.67 -4.81 0.94
C ALA A 32 11.79 -4.51 1.92
N GLY A 33 11.44 -4.39 3.18
CA GLY A 33 12.40 -4.10 4.23
C GLY A 33 11.70 -4.23 5.58
N ALA A 40 2.99 -10.20 12.06
CA ALA A 40 1.55 -10.17 11.75
C ALA A 40 1.08 -11.38 10.93
N GLN A 41 2.01 -12.32 10.67
CA GLN A 41 1.71 -13.55 9.89
C GLN A 41 2.86 -14.59 10.04
N PRO A 42 2.56 -15.88 9.89
CA PRO A 42 3.62 -16.77 10.44
C PRO A 42 4.54 -17.42 9.39
N LEU A 43 4.22 -17.14 8.10
CA LEU A 43 4.94 -17.80 7.01
C LEU A 43 6.41 -17.43 7.13
N PRO A 44 7.32 -18.30 6.66
CA PRO A 44 8.71 -17.86 6.46
C PRO A 44 8.78 -16.66 5.50
N THR A 45 9.51 -15.64 5.94
CA THR A 45 9.54 -14.31 5.26
C THR A 45 10.87 -13.96 4.76
N ARG A 46 10.97 -13.58 3.48
CA ARG A 46 12.19 -13.03 2.95
C ARG A 46 12.08 -11.50 3.01
N ILE A 47 13.23 -10.82 3.16
CA ILE A 47 13.23 -9.36 3.31
C ILE A 47 14.20 -8.76 2.32
N GLY A 48 13.74 -7.72 1.63
CA GLY A 48 14.55 -6.98 0.69
C GLY A 48 14.26 -7.21 -0.74
N GLY A 49 14.72 -6.32 -1.60
CA GLY A 49 14.45 -6.48 -3.03
C GLY A 49 15.06 -7.72 -3.59
N PHE A 50 14.56 -8.13 -4.73
CA PHE A 50 15.11 -9.26 -5.46
C PHE A 50 16.29 -8.91 -6.37
N GLY A 51 16.42 -7.68 -6.70
CA GLY A 51 17.36 -7.28 -7.76
C GLY A 51 16.79 -7.15 -9.13
N GLY A 52 15.74 -6.35 -9.24
CA GLY A 52 15.05 -6.11 -10.46
C GLY A 52 14.32 -7.33 -10.98
N VAL A 53 13.90 -7.24 -12.26
CA VAL A 53 13.23 -8.37 -12.88
C VAL A 53 14.11 -9.59 -12.93
N ALA A 54 15.37 -9.40 -13.34
CA ALA A 54 16.27 -10.56 -13.45
C ALA A 54 16.46 -11.26 -12.13
N GLY A 55 16.58 -10.49 -11.07
CA GLY A 55 16.77 -11.02 -9.71
C GLY A 55 15.51 -11.85 -9.32
N LEU A 56 14.36 -11.31 -9.66
CA LEU A 56 13.08 -12.01 -9.31
C LEU A 56 12.98 -13.29 -10.16
N VAL A 57 13.33 -13.22 -11.45
CA VAL A 57 13.41 -14.41 -12.26
C VAL A 57 14.32 -15.46 -11.64
N ASP A 58 15.51 -15.07 -11.21
CA ASP A 58 16.42 -16.00 -10.62
C ASP A 58 15.83 -16.62 -9.35
N TYR A 59 15.17 -15.83 -8.49
CA TYR A 59 14.52 -16.32 -7.29
C TYR A 59 13.44 -17.35 -7.67
N LEU A 60 12.56 -16.99 -8.59
CA LEU A 60 11.47 -17.90 -8.93
C LEU A 60 11.98 -19.24 -9.42
N THR A 61 13.08 -19.17 -10.17
CA THR A 61 13.62 -20.35 -10.84
C THR A 61 14.34 -21.19 -9.77
N ARG A 62 15.19 -20.59 -8.96
CA ARG A 62 16.03 -21.27 -7.93
C ARG A 62 15.16 -21.87 -6.83
N GLU A 63 14.12 -21.14 -6.43
CA GLU A 63 13.23 -21.58 -5.36
C GLU A 63 12.08 -22.50 -5.88
N GLY A 64 11.94 -22.70 -7.18
CA GLY A 64 10.85 -23.50 -7.79
C GLY A 64 9.44 -23.01 -7.47
N VAL A 65 9.31 -21.70 -7.45
CA VAL A 65 8.01 -21.07 -7.22
C VAL A 65 7.04 -21.47 -8.34
N SER A 66 5.81 -21.86 -7.96
CA SER A 66 4.74 -22.22 -8.87
C SER A 66 3.73 -21.10 -9.11
N HIS A 67 3.51 -20.27 -8.09
CA HIS A 67 2.50 -19.25 -8.10
C HIS A 67 2.98 -18.04 -7.33
N VAL A 68 2.73 -16.88 -7.89
CA VAL A 68 2.95 -15.61 -7.14
C VAL A 68 1.61 -14.97 -6.88
N ILE A 69 1.41 -14.54 -5.63
CA ILE A 69 0.28 -13.66 -5.33
C ILE A 69 0.90 -12.31 -4.98
N ASP A 70 0.57 -11.29 -5.79
CA ASP A 70 1.02 -9.93 -5.51
C ASP A 70 -0.02 -9.20 -4.61
N ALA A 71 0.28 -9.16 -3.35
CA ALA A 71 -0.56 -8.52 -2.38
C ALA A 71 0.17 -7.28 -1.86
N THR A 72 0.95 -6.65 -2.71
CA THR A 72 1.59 -5.38 -2.41
C THR A 72 0.59 -4.22 -2.40
N HIS A 73 1.04 -3.15 -1.80
CA HIS A 73 0.22 -1.95 -1.86
C HIS A 73 -0.01 -1.53 -3.31
N PRO A 74 -1.15 -0.94 -3.64
CA PRO A 74 -1.34 -0.46 -5.03
C PRO A 74 -0.37 0.57 -5.51
N PHE A 75 0.31 1.27 -4.59
CA PHE A 75 1.31 2.27 -4.96
C PHE A 75 2.70 1.74 -4.99
N ALA A 76 2.85 0.45 -4.65
CA ALA A 76 4.11 -0.29 -4.91
C ALA A 76 4.06 -0.79 -6.34
N ALA A 77 4.17 0.12 -7.28
CA ALA A 77 3.94 -0.19 -8.70
C ALA A 77 5.15 -0.78 -9.38
N GLN A 78 6.36 -0.47 -8.89
CA GLN A 78 7.56 -1.10 -9.45
C GLN A 78 7.58 -2.59 -9.06
N MET A 79 7.25 -2.93 -7.84
CA MET A 79 7.21 -4.33 -7.48
C MET A 79 6.15 -5.06 -8.31
N SER A 80 4.97 -4.45 -8.47
CA SER A 80 3.92 -5.11 -9.24
C SER A 80 4.32 -5.31 -10.71
N ALA A 81 4.92 -4.26 -11.33
CA ALA A 81 5.37 -4.37 -12.71
C ALA A 81 6.49 -5.41 -12.84
N ASN A 82 7.40 -5.45 -11.88
CA ASN A 82 8.43 -6.47 -11.94
C ASN A 82 7.88 -7.85 -11.81
N ALA A 83 6.90 -8.05 -10.98
CA ALA A 83 6.25 -9.39 -10.85
C ALA A 83 5.58 -9.83 -12.16
N VAL A 84 4.90 -8.92 -12.84
CA VAL A 84 4.33 -9.23 -14.14
C VAL A 84 5.43 -9.72 -15.07
N ALA A 85 6.51 -8.95 -15.17
CA ALA A 85 7.56 -9.30 -16.14
C ALA A 85 8.24 -10.58 -15.78
N ALA A 86 8.59 -10.75 -14.53
CA ALA A 86 9.27 -11.98 -14.12
C ALA A 86 8.42 -13.24 -14.26
N CYS A 87 7.14 -13.15 -13.89
CA CYS A 87 6.26 -14.27 -14.03
C CYS A 87 6.06 -14.63 -15.52
N ALA A 88 5.96 -13.62 -16.35
CA ALA A 88 5.86 -13.81 -17.81
C ALA A 88 7.09 -14.48 -18.34
N GLN A 89 8.28 -14.12 -17.86
CA GLN A 89 9.51 -14.71 -18.35
C GLN A 89 9.75 -16.15 -17.89
N THR A 90 9.01 -16.63 -16.88
CA THR A 90 9.22 -17.93 -16.26
C THR A 90 7.95 -18.82 -16.40
N GLY A 91 6.85 -18.28 -17.00
CA GLY A 91 5.57 -19.04 -17.18
C GLY A 91 5.00 -19.34 -15.75
N VAL A 92 5.33 -18.55 -14.75
CA VAL A 92 4.73 -18.73 -13.40
C VAL A 92 3.43 -17.97 -13.32
N ALA A 93 2.39 -18.61 -12.77
CA ALA A 93 1.08 -18.00 -12.61
C ALA A 93 1.12 -16.88 -11.57
N LEU A 94 0.42 -15.79 -11.88
CA LEU A 94 0.40 -14.57 -11.07
C LEU A 94 -1.00 -14.08 -10.89
N CYS A 95 -1.37 -13.73 -9.65
CA CYS A 95 -2.55 -12.90 -9.49
C CYS A 95 -2.29 -11.81 -8.51
N ALA A 96 -2.99 -10.69 -8.65
CA ALA A 96 -2.88 -9.57 -7.70
C ALA A 96 -4.06 -9.54 -6.71
N PHE A 97 -3.78 -9.37 -5.44
CA PHE A 97 -4.81 -9.34 -4.36
C PHE A 97 -4.84 -7.89 -3.98
N GLU A 98 -5.77 -7.21 -4.61
CA GLU A 98 -5.91 -5.74 -4.49
C GLU A 98 -7.39 -5.41 -4.38
N ARG A 99 -7.71 -4.42 -3.57
CA ARG A 99 -9.10 -3.89 -3.61
C ARG A 99 -9.28 -2.80 -4.64
N ALA A 100 -10.54 -2.47 -4.96
CA ALA A 100 -10.85 -1.42 -5.89
C ALA A 100 -10.52 -0.09 -5.20
N PRO A 101 -10.20 0.91 -5.99
CA PRO A 101 -9.99 2.26 -5.44
C PRO A 101 -11.26 2.79 -4.76
N TRP A 102 -11.08 3.72 -3.85
CA TRP A 102 -12.21 4.39 -3.23
C TRP A 102 -12.86 5.30 -4.23
N THR A 103 -14.17 5.48 -4.06
CA THR A 103 -14.92 6.42 -4.91
C THR A 103 -15.66 7.35 -3.93
N ALA A 104 -15.82 8.59 -4.39
CA ALA A 104 -16.41 9.58 -3.55
C ALA A 104 -17.88 9.34 -3.32
N GLN A 105 -18.32 9.82 -2.17
CA GLN A 105 -19.74 9.95 -1.87
C GLN A 105 -20.13 11.36 -1.50
N ALA A 106 -21.43 11.57 -1.27
CA ALA A 106 -21.85 12.85 -0.82
C ALA A 106 -21.19 13.31 0.45
N GLY A 107 -20.72 14.57 0.46
CA GLY A 107 -20.02 15.13 1.59
C GLY A 107 -18.48 15.02 1.44
N ASP A 108 -18.01 14.13 0.58
CA ASP A 108 -16.55 14.11 0.29
C ASP A 108 -16.16 15.32 -0.56
N ARG A 109 -15.09 16.03 -0.19
CA ARG A 109 -14.53 17.13 -0.96
C ARG A 109 -13.17 16.66 -1.53
N TRP A 110 -13.21 15.95 -2.62
CA TRP A 110 -12.02 15.31 -3.21
C TRP A 110 -11.56 15.97 -4.50
N THR A 111 -10.22 16.07 -4.64
CA THR A 111 -9.66 16.34 -5.92
C THR A 111 -8.62 15.26 -6.16
N HIS A 112 -8.32 14.99 -7.41
CA HIS A 112 -7.42 13.96 -7.82
C HIS A 112 -6.19 14.52 -8.51
N VAL A 113 -5.04 13.89 -8.29
CA VAL A 113 -3.81 14.23 -9.00
C VAL A 113 -3.10 12.90 -9.39
N PRO A 114 -2.24 12.98 -10.40
CA PRO A 114 -1.70 11.72 -10.94
C PRO A 114 -0.50 11.18 -10.21
N ASP A 115 0.18 12.02 -9.42
CA ASP A 115 1.36 11.57 -8.71
C ASP A 115 1.69 12.51 -7.57
N LEU A 116 2.71 12.12 -6.78
CA LEU A 116 3.11 12.88 -5.63
C LEU A 116 3.55 14.28 -5.98
N ALA A 117 4.32 14.45 -7.06
CA ALA A 117 4.67 15.78 -7.49
C ALA A 117 3.47 16.72 -7.69
N ALA A 118 2.43 16.19 -8.31
CA ALA A 118 1.23 16.99 -8.57
C ALA A 118 0.50 17.27 -7.29
N ALA A 119 0.59 16.37 -6.33
CA ALA A 119 -0.02 16.65 -5.01
C ALA A 119 0.66 17.85 -4.37
N VAL A 120 2.00 17.89 -4.42
CA VAL A 120 2.67 19.06 -3.86
C VAL A 120 2.21 20.36 -4.50
N ALA A 121 2.10 20.33 -5.82
CA ALA A 121 1.70 21.50 -6.58
C ALA A 121 0.27 21.92 -6.38
N ALA A 122 -0.54 20.98 -5.93
CA ALA A 122 -1.93 21.23 -5.64
C ALA A 122 -2.20 21.97 -4.36
N LEU A 123 -1.24 22.00 -3.45
CA LEU A 123 -1.49 22.69 -2.18
C LEU A 123 -1.60 24.21 -2.40
N PRO A 124 -2.40 24.88 -1.60
CA PRO A 124 -2.56 26.32 -1.77
C PRO A 124 -1.30 27.10 -1.46
N GLN A 125 -1.27 28.33 -1.97
CA GLN A 125 -0.17 29.26 -1.65
C GLN A 125 -0.09 29.73 -0.21
N ALA A 126 -1.23 30.17 0.30
CA ALA A 126 -1.37 30.58 1.66
C ALA A 126 -1.06 29.41 2.57
N PRO A 127 -0.34 29.64 3.67
CA PRO A 127 0.01 28.58 4.59
C PRO A 127 -1.21 27.81 5.12
N ALA A 128 -1.08 26.51 5.05
CA ALA A 128 -2.12 25.54 5.35
C ALA A 128 -1.53 24.54 6.38
N ARG A 129 -2.40 23.66 6.89
CA ARG A 129 -2.07 22.67 7.84
C ARG A 129 -2.43 21.34 7.18
N VAL A 130 -1.40 20.59 6.79
CA VAL A 130 -1.63 19.49 5.82
C VAL A 130 -1.25 18.15 6.44
N PHE A 131 -2.18 17.20 6.47
CA PHE A 131 -1.89 15.84 6.90
C PHE A 131 -1.39 15.07 5.71
N LEU A 132 -0.10 14.72 5.71
CA LEU A 132 0.49 13.87 4.65
C LEU A 132 0.34 12.45 5.01
N ALA A 133 -0.74 11.86 4.56
CA ALA A 133 -1.11 10.51 5.01
C ALA A 133 -0.61 9.52 4.01
N ILE A 134 0.70 9.55 3.81
CA ILE A 134 1.37 8.82 2.75
C ILE A 134 2.60 8.06 3.19
N GLY A 135 2.73 7.85 4.49
CA GLY A 135 3.88 7.09 5.04
C GLY A 135 5.11 7.95 5.05
N LYS A 136 6.29 7.30 4.90
CA LYS A 136 7.63 7.90 4.99
C LYS A 136 8.25 8.25 3.69
N GLN A 137 7.80 7.59 2.62
CA GLN A 137 8.44 7.79 1.32
C GLN A 137 8.11 9.12 0.64
N HIS A 138 9.17 9.75 0.19
CA HIS A 138 9.08 10.94 -0.57
C HIS A 138 8.49 12.12 0.19
N LEU A 139 8.47 12.09 1.54
CA LEU A 139 8.09 13.32 2.25
C LEU A 139 8.87 14.53 1.82
N ARG A 140 10.16 14.38 1.57
CA ARG A 140 10.97 15.45 1.03
C ARG A 140 10.37 16.23 -0.10
N ASP A 141 9.60 15.55 -0.95
CA ASP A 141 8.95 16.20 -2.08
C ASP A 141 8.16 17.39 -1.61
N PHE A 142 7.55 17.33 -0.41
CA PHE A 142 6.74 18.43 0.06
C PHE A 142 7.56 19.63 0.57
N SER A 143 8.90 19.48 0.66
CA SER A 143 9.74 20.66 1.01
C SER A 143 9.69 21.69 -0.09
N ALA A 144 9.19 21.33 -1.29
CA ALA A 144 8.96 22.33 -2.29
C ALA A 144 7.79 23.23 -2.06
N ALA A 145 6.96 22.92 -1.04
CA ALA A 145 5.92 23.84 -0.53
C ALA A 145 6.19 24.02 0.96
N PRO A 146 7.28 24.73 1.27
CA PRO A 146 7.76 24.73 2.65
C PRO A 146 6.97 25.60 3.66
N GLN A 147 6.07 26.45 3.20
CA GLN A 147 5.31 27.38 4.04
C GLN A 147 4.24 26.70 4.89
N HIS A 148 3.88 25.46 4.57
CA HIS A 148 2.84 24.78 5.33
C HIS A 148 3.32 24.10 6.60
N HIS A 149 2.39 23.90 7.53
CA HIS A 149 2.59 22.95 8.59
C HIS A 149 2.18 21.57 8.22
N TYR A 150 3.08 20.60 8.30
CA TYR A 150 2.80 19.22 7.96
C TYR A 150 2.63 18.32 9.14
N LEU A 151 1.64 17.46 9.08
CA LEU A 151 1.46 16.38 10.02
C LEU A 151 1.76 15.10 9.35
N LEU A 152 2.64 14.27 9.94
CA LEU A 152 3.07 12.97 9.34
C LEU A 152 2.63 11.91 10.32
N ARG A 153 2.39 10.72 9.80
CA ARG A 153 2.16 9.56 10.63
C ARG A 153 2.99 8.43 10.13
N LEU A 154 3.91 8.01 11.02
CA LEU A 154 4.98 7.08 10.65
C LEU A 154 4.97 5.86 11.54
N VAL A 155 5.32 4.74 10.94
CA VAL A 155 5.40 3.52 11.71
C VAL A 155 6.62 3.55 12.65
N ASP A 156 7.74 4.11 12.20
CA ASP A 156 8.94 4.16 13.04
C ASP A 156 9.39 5.57 13.26
N PRO A 157 9.90 5.88 14.47
CA PRO A 157 10.58 7.16 14.73
C PRO A 157 11.59 7.50 13.62
N PRO A 158 11.59 8.74 13.12
CA PRO A 158 12.49 9.02 11.99
C PRO A 158 13.94 9.00 12.45
N GLU A 159 14.85 8.61 11.55
CA GLU A 159 16.26 8.52 11.91
C GLU A 159 16.77 9.92 12.21
N GLY A 160 16.87 10.74 11.17
CA GLY A 160 17.32 12.11 11.33
C GLY A 160 16.18 13.12 11.46
N PRO A 161 16.51 14.40 11.37
CA PRO A 161 15.55 15.50 11.35
C PRO A 161 14.63 15.47 10.11
N LEU A 162 13.37 15.86 10.28
CA LEU A 162 12.42 15.76 9.15
C LEU A 162 12.88 16.70 8.09
N PRO A 163 12.78 16.31 6.78
CA PRO A 163 13.11 17.09 5.57
C PRO A 163 12.11 18.23 5.27
N LEU A 164 11.29 18.54 6.27
CA LEU A 164 10.23 19.50 6.06
C LEU A 164 10.42 20.64 7.08
N PRO A 165 10.38 21.86 6.65
CA PRO A 165 10.64 22.94 7.58
C PRO A 165 9.74 22.93 8.81
N ASP A 166 8.44 22.72 8.63
CA ASP A 166 7.49 22.76 9.76
C ASP A 166 6.68 21.50 9.72
N ALA A 167 6.99 20.55 10.57
CA ALA A 167 6.33 19.25 10.57
C ALA A 167 6.26 18.74 11.94
N ARG A 168 5.26 17.91 12.18
CA ARG A 168 5.13 17.08 13.38
C ARG A 168 4.83 15.68 12.97
N ALA A 169 5.57 14.72 13.53
CA ALA A 169 5.35 13.32 13.24
C ALA A 169 4.72 12.64 14.41
N VAL A 170 3.60 11.98 14.17
CA VAL A 170 3.05 11.07 15.13
C VAL A 170 3.43 9.65 14.77
N ILE A 171 3.87 8.87 15.75
CA ILE A 171 4.40 7.56 15.45
C ILE A 171 3.33 6.60 15.85
N ALA A 172 2.82 5.86 14.88
CA ALA A 172 1.73 4.92 15.09
C ALA A 172 1.53 3.96 13.89
N ARG A 173 0.87 2.84 14.17
CA ARG A 173 0.55 1.81 13.16
C ARG A 173 -0.97 1.49 13.04
N GLY A 174 -1.68 1.47 14.16
CA GLY A 174 -3.12 1.21 14.13
C GLY A 174 -3.57 -0.27 14.12
N PRO A 175 -4.49 -0.66 13.17
CA PRO A 175 -5.00 0.19 12.10
C PRO A 175 -5.86 1.23 12.77
N PHE A 176 -6.33 2.21 12.00
CA PHE A 176 -6.78 3.41 12.65
C PHE A 176 -8.28 3.42 12.66
N THR A 177 -8.85 4.15 13.62
CA THR A 177 -10.27 4.24 13.76
C THR A 177 -10.72 5.62 13.32
N VAL A 178 -12.00 5.75 12.99
CA VAL A 178 -12.53 7.00 12.65
C VAL A 178 -12.47 7.97 13.81
N GLN A 179 -12.75 7.50 15.04
CA GLN A 179 -12.68 8.37 16.22
C GLN A 179 -11.25 8.94 16.42
N GLY A 180 -10.30 8.04 16.26
CA GLY A 180 -8.92 8.36 16.41
C GLY A 180 -8.40 9.38 15.39
N ASP A 181 -8.75 9.12 14.15
CA ASP A 181 -8.32 10.02 13.07
C ASP A 181 -9.02 11.35 13.14
N THR A 182 -10.32 11.39 13.56
CA THR A 182 -10.99 12.61 13.70
C THR A 182 -10.37 13.44 14.85
N GLU A 183 -10.01 12.78 15.96
CA GLU A 183 -9.29 13.44 17.03
C GLU A 183 -7.98 14.07 16.63
N LEU A 184 -7.20 13.29 15.86
CA LEU A 184 -5.93 13.81 15.36
C LEU A 184 -6.11 15.02 14.47
N LEU A 185 -6.96 14.91 13.44
CA LEU A 185 -7.19 16.03 12.53
C LEU A 185 -7.69 17.27 13.22
N ARG A 186 -8.57 17.04 14.21
CA ARG A 186 -9.14 18.13 14.97
C ARG A 186 -8.11 18.82 15.84
N SER A 187 -7.37 18.01 16.56
CA SER A 187 -6.35 18.53 17.47
C SER A 187 -5.22 19.24 16.79
N GLU A 188 -4.83 18.83 15.57
CA GLU A 188 -3.83 19.49 14.80
C GLU A 188 -4.41 20.56 13.87
N THR A 189 -5.70 20.83 14.01
CA THR A 189 -6.40 21.80 13.22
C THR A 189 -6.04 21.73 11.71
N ILE A 190 -6.06 20.51 11.21
CA ILE A 190 -5.75 20.26 9.82
C ILE A 190 -6.75 20.95 8.90
N THR A 191 -6.23 21.48 7.80
CA THR A 191 -7.06 22.09 6.78
C THR A 191 -7.14 21.29 5.50
N HIS A 192 -6.14 20.43 5.23
CA HIS A 192 -6.09 19.63 4.00
C HIS A 192 -5.53 18.28 4.30
N VAL A 193 -5.97 17.28 3.59
CA VAL A 193 -5.41 15.90 3.69
C VAL A 193 -4.88 15.53 2.30
N VAL A 194 -3.68 14.97 2.27
CA VAL A 194 -3.11 14.28 1.10
C VAL A 194 -3.06 12.81 1.32
N ALA A 195 -3.64 12.04 0.41
CA ALA A 195 -3.70 10.59 0.57
C ALA A 195 -3.54 9.96 -0.73
N LYS A 196 -3.10 8.71 -0.72
CA LYS A 196 -3.12 7.88 -1.93
C LYS A 196 -4.39 7.05 -1.96
N ASN A 197 -4.90 6.83 -3.18
CA ASN A 197 -6.13 6.07 -3.32
C ASN A 197 -5.85 4.57 -3.22
N ALA A 198 -5.59 4.11 -2.00
CA ALA A 198 -5.30 2.71 -1.71
C ALA A 198 -6.50 1.80 -1.87
N GLY A 199 -7.69 2.27 -1.53
CA GLY A 199 -8.84 1.40 -1.46
C GLY A 199 -8.79 0.59 -0.18
N GLY A 200 -9.86 -0.17 0.04
CA GLY A 200 -9.97 -0.92 1.24
C GLY A 200 -10.45 -0.19 2.50
N ALA A 201 -10.96 -0.97 3.44
CA ALA A 201 -11.50 -0.48 4.68
C ALA A 201 -10.39 -0.04 5.60
N GLY A 202 -9.24 -0.70 5.50
CA GLY A 202 -8.21 -0.51 6.55
C GLY A 202 -7.61 0.91 6.69
N ALA A 203 -7.53 1.63 5.56
CA ALA A 203 -6.95 2.98 5.55
C ALA A 203 -8.00 4.07 5.30
N GLU A 204 -9.27 3.69 5.33
CA GLU A 204 -10.35 4.59 4.94
C GLU A 204 -10.75 5.57 6.06
N ALA A 205 -10.36 5.28 7.30
CA ALA A 205 -10.76 6.13 8.36
C ALA A 205 -10.44 7.59 8.22
N LYS A 206 -9.24 7.89 7.70
CA LYS A 206 -8.87 9.25 7.59
C LYS A 206 -9.79 10.01 6.63
N LEU A 207 -10.31 9.33 5.61
CA LEU A 207 -11.21 9.96 4.64
C LEU A 207 -12.61 10.23 5.28
N ILE A 208 -13.08 9.29 6.13
CA ILE A 208 -14.36 9.52 6.81
C ILE A 208 -14.17 10.67 7.79
N ALA A 209 -13.03 10.66 8.51
CA ALA A 209 -12.72 11.75 9.40
C ALA A 209 -12.69 13.13 8.71
N ALA A 210 -12.04 13.17 7.56
CA ALA A 210 -12.04 14.36 6.79
C ALA A 210 -13.45 14.84 6.41
N ARG A 211 -14.27 13.90 5.96
CA ARG A 211 -15.65 14.18 5.61
C ARG A 211 -16.42 14.78 6.84
N SER A 212 -16.23 14.13 7.98
CA SER A 212 -16.82 14.57 9.28
C SER A 212 -16.48 15.96 9.61
N LEU A 213 -15.23 16.39 9.37
CA LEU A 213 -14.72 17.71 9.66
C LEU A 213 -14.87 18.73 8.50
N GLY A 214 -15.39 18.26 7.38
CA GLY A 214 -15.58 19.08 6.20
C GLY A 214 -14.30 19.50 5.53
N LEU A 215 -13.29 18.65 5.54
CA LEU A 215 -11.97 19.01 4.99
C LEU A 215 -11.78 18.48 3.57
N PRO A 216 -11.09 19.22 2.73
CA PRO A 216 -10.67 18.70 1.42
C PRO A 216 -9.58 17.64 1.49
N VAL A 217 -9.65 16.73 0.54
CA VAL A 217 -8.63 15.69 0.37
C VAL A 217 -8.11 15.82 -1.06
N ILE A 218 -6.80 15.77 -1.17
CA ILE A 218 -6.09 15.68 -2.44
C ILE A 218 -5.71 14.20 -2.52
N LEU A 219 -6.26 13.50 -3.51
CA LEU A 219 -6.15 12.03 -3.60
C LEU A 219 -5.26 11.73 -4.76
N ILE A 220 -4.16 11.01 -4.52
CA ILE A 220 -3.26 10.59 -5.57
C ILE A 220 -3.81 9.34 -6.21
N ASP A 221 -4.03 9.41 -7.54
CA ASP A 221 -4.55 8.26 -8.30
C ASP A 221 -3.47 7.18 -8.42
N ARG A 222 -4.01 5.96 -8.56
CA ARG A 222 -3.15 4.79 -8.69
C ARG A 222 -2.27 4.88 -9.92
N PRO A 223 -1.03 4.42 -9.78
CA PRO A 223 -0.13 4.34 -10.92
C PRO A 223 -0.54 3.21 -11.86
N ALA A 224 -0.09 3.38 -13.07
CA ALA A 224 -0.29 2.39 -14.13
C ALA A 224 0.58 1.15 -13.87
N VAL A 225 -0.03 -0.01 -13.99
CA VAL A 225 0.70 -1.26 -13.87
C VAL A 225 0.21 -2.16 -15.01
N PRO A 226 1.09 -2.99 -15.56
CA PRO A 226 0.61 -3.90 -16.59
C PRO A 226 -0.45 -4.85 -16.13
N ALA A 227 -1.32 -5.26 -17.05
CA ALA A 227 -2.41 -6.15 -16.78
C ALA A 227 -1.92 -7.52 -16.24
N ARG A 228 -2.61 -8.01 -15.22
CA ARG A 228 -2.50 -9.37 -14.75
C ARG A 228 -3.81 -9.81 -14.07
N ASP A 229 -3.96 -11.08 -13.79
CA ASP A 229 -5.17 -11.57 -13.10
C ASP A 229 -5.36 -10.84 -11.75
N ILE A 230 -6.61 -10.52 -11.42
CA ILE A 230 -6.94 -9.88 -10.15
C ILE A 230 -7.74 -10.89 -9.30
N CYS A 231 -7.35 -11.02 -8.04
CA CYS A 231 -7.90 -12.03 -7.07
C CYS A 231 -8.14 -11.18 -5.79
N ALA A 232 -9.23 -10.39 -5.88
CA ALA A 232 -9.65 -9.29 -4.95
C ALA A 232 -10.31 -9.60 -3.60
N THR A 233 -10.43 -10.88 -3.24
CA THR A 233 -10.91 -11.29 -1.91
C THR A 233 -10.17 -12.55 -1.60
N LEU A 234 -10.20 -12.96 -0.35
CA LEU A 234 -9.52 -14.19 0.07
C LEU A 234 -10.14 -15.37 -0.68
N GLU A 235 -11.47 -15.41 -0.73
CA GLU A 235 -12.07 -16.51 -1.45
C GLU A 235 -11.72 -16.51 -2.90
N GLY A 236 -11.60 -15.32 -3.54
CA GLY A 236 -11.17 -15.22 -4.94
C GLY A 236 -9.75 -15.80 -5.11
N VAL A 237 -8.91 -15.53 -4.15
CA VAL A 237 -7.52 -16.06 -4.18
C VAL A 237 -7.55 -17.56 -4.07
N MET A 238 -8.36 -18.13 -3.16
CA MET A 238 -8.44 -19.57 -3.02
C MET A 238 -8.92 -20.20 -4.30
N GLY A 239 -9.91 -19.59 -4.93
CA GLY A 239 -10.45 -20.09 -6.17
C GLY A 239 -9.43 -20.07 -7.31
N TRP A 240 -8.74 -18.95 -7.43
CA TRP A 240 -7.72 -18.81 -8.44
C TRP A 240 -6.59 -19.79 -8.24
N LEU A 241 -6.22 -20.00 -6.99
CA LEU A 241 -5.17 -21.02 -6.64
C LEU A 241 -5.61 -22.40 -7.16
N ALA A 242 -6.81 -22.79 -6.83
CA ALA A 242 -7.29 -24.14 -7.26
C ALA A 242 -7.35 -24.22 -8.77
N ASP A 243 -7.78 -23.14 -9.43
CA ASP A 243 -7.92 -23.10 -10.91
C ASP A 243 -6.58 -23.14 -11.60
N HIS A 244 -5.50 -22.85 -10.88
CA HIS A 244 -4.13 -22.98 -11.36
C HIS A 244 -3.29 -24.06 -10.76
N GLY A 245 -4.01 -25.00 -10.16
CA GLY A 245 -3.43 -26.22 -9.71
C GLY A 245 -2.59 -26.15 -8.43
N ALA A 246 -2.68 -25.06 -7.66
CA ALA A 246 -2.06 -24.98 -6.40
C ALA A 246 -2.83 -25.75 -5.39
N THR A 247 -2.12 -26.64 -4.68
CA THR A 247 -2.72 -27.39 -3.59
C THR A 247 -1.87 -27.35 -2.33
N PRO A 248 -2.55 -27.44 -1.17
CA PRO A 248 -1.85 -27.42 0.12
C PRO A 248 -1.18 -28.77 0.45
N ARG A 249 -0.33 -28.70 1.44
CA ARG A 249 0.43 -29.84 1.98
C ARG A 249 -0.41 -31.08 2.17
N GLY A 250 0.06 -32.20 1.61
CA GLY A 250 -0.47 -33.54 1.98
C GLY A 250 -1.56 -34.09 1.07
#